data_1JHL
#
_entry.id   1JHL
#
_cell.length_a   57.800
_cell.length_b   57.800
_cell.length_c   282.100
_cell.angle_alpha   90.00
_cell.angle_beta   90.00
_cell.angle_gamma   120.00
#
_symmetry.space_group_name_H-M   'P 65'
#
loop_
_entity.id
_entity.type
_entity.pdbx_description
1 polymer 'IGG1-KAPPA D11.15 FV (LIGHT CHAIN)'
2 polymer 'IGG1-KAPPA D11.15 FV (HEAVY CHAIN)'
3 polymer 'PHEASANT EGG WHITE LYSOZYME'
#
loop_
_entity_poly.entity_id
_entity_poly.type
_entity_poly.pdbx_seq_one_letter_code
_entity_poly.pdbx_strand_id
1 'polypeptide(L)'
;DIELTQSPSYLVASPGETITINCRASKSISKSLAWYQEKPGKTNNLLIYSGSTLQSGIPSRFSGSGSGTDFTLTISSLEP
EDFAMYICQQHNEYPWTFGGGTKLEIKR
;
L
2 'polypeptide(L)'
;QVQLQQSGAELVRPGASVKLSCKASGYTFISYWINWVKQRPGQGLEWIGNIYPSDSYTNYNQKFKDKATLTVDKSSSTAY
MQLSSPTSEDSAVYYCTRDDNYGAMDYWGQGTTVTV
;
H
3 'polypeptide(L)'
;KVYGRCELAAAMKRMGLDNYRGYSLGNWVCAAKFESNFNTGATNRNTDGSTDYGILQINSRWWCNDGRTPGSKNLCHIPC
SALLSSDITASVNCAKKIVSDGDGMNAWVAWRKHCKGTDVNVWIRGCRL
;
A
#
# COMPACT_ATOMS: atom_id res chain seq x y z
N ASP A 1 13.17 0.43 11.77
CA ASP A 1 11.74 0.25 11.56
C ASP A 1 11.19 1.46 12.33
N ILE A 2 10.17 2.06 11.72
CA ILE A 2 9.48 3.22 12.31
C ILE A 2 8.73 2.63 13.48
N GLU A 3 8.87 3.37 14.53
CA GLU A 3 8.22 3.02 15.75
C GLU A 3 7.24 4.13 15.84
N LEU A 4 5.97 3.78 16.00
CA LEU A 4 4.88 4.70 16.24
C LEU A 4 4.47 4.41 17.65
N THR A 5 4.47 5.56 18.32
CA THR A 5 3.93 5.65 19.67
C THR A 5 2.51 6.18 19.59
N GLN A 6 1.47 5.55 20.11
CA GLN A 6 0.16 6.12 19.97
C GLN A 6 -0.31 6.67 21.32
N SER A 7 -1.16 7.71 21.43
CA SER A 7 -1.36 8.28 22.74
C SER A 7 -2.71 8.94 22.92
N PRO A 8 -3.47 8.65 23.95
CA PRO A 8 -3.13 7.71 24.99
C PRO A 8 -3.54 6.33 24.60
N SER A 9 -3.20 5.31 25.39
CA SER A 9 -3.63 3.96 25.12
C SER A 9 -5.08 3.98 25.57
N TYR A 10 -5.58 4.76 26.52
CA TYR A 10 -6.98 4.70 26.87
C TYR A 10 -7.52 6.10 26.93
N LEU A 11 -8.68 6.21 26.31
CA LEU A 11 -9.46 7.42 26.36
C LEU A 11 -10.86 6.93 26.58
N VAL A 12 -11.54 7.61 27.49
CA VAL A 12 -12.95 7.34 27.67
C VAL A 12 -13.56 8.65 27.23
N ALA A 13 -14.81 8.61 26.78
CA ALA A 13 -15.45 9.81 26.33
C ALA A 13 -16.96 9.72 26.38
N SER A 14 -17.68 10.82 26.30
CA SER A 14 -19.13 10.72 26.29
C SER A 14 -19.67 11.16 24.93
N PRO A 15 -20.74 10.53 24.40
CA PRO A 15 -21.18 10.78 23.05
C PRO A 15 -21.55 12.27 22.97
N GLY A 16 -21.13 12.86 21.82
CA GLY A 16 -21.28 14.27 21.56
C GLY A 16 -20.00 15.02 21.75
N GLU A 17 -19.05 14.52 22.52
CA GLU A 17 -17.83 15.24 22.69
C GLU A 17 -16.79 14.83 21.65
N THR A 18 -15.69 15.62 21.54
CA THR A 18 -14.57 15.39 20.64
C THR A 18 -13.37 14.77 21.34
N ILE A 19 -12.73 13.81 20.71
CA ILE A 19 -11.53 13.20 21.22
C ILE A 19 -10.34 13.47 20.28
N THR A 20 -9.09 13.08 20.52
CA THR A 20 -7.91 13.36 19.67
C THR A 20 -6.82 12.35 20.07
N ILE A 21 -6.32 11.57 19.15
CA ILE A 21 -5.35 10.55 19.44
C ILE A 21 -4.13 11.07 18.71
N ASN A 22 -2.99 10.86 19.29
CA ASN A 22 -1.78 11.25 18.60
C ASN A 22 -0.98 10.01 18.24
N CYS A 23 -0.18 10.17 17.21
CA CYS A 23 0.64 9.11 16.69
C CYS A 23 1.98 9.76 16.46
N ARG A 24 3.05 9.20 17.01
CA ARG A 24 4.39 9.76 16.91
C ARG A 24 5.31 8.77 16.18
N ALA A 25 5.88 9.02 15.01
CA ALA A 25 6.81 8.14 14.30
C ALA A 25 8.28 8.29 14.78
N SER A 26 9.22 7.28 14.79
CA SER A 26 10.63 7.44 15.16
C SER A 26 11.39 8.20 14.09
N LYS A 27 10.89 8.32 12.85
CA LYS A 27 11.48 9.22 11.92
C LYS A 27 10.33 9.79 11.14
N SER A 28 10.50 10.83 10.28
CA SER A 28 9.54 11.49 9.38
C SER A 28 9.12 10.47 8.31
N ILE A 29 7.78 10.28 8.25
CA ILE A 29 7.16 9.35 7.34
C ILE A 29 6.34 10.18 6.39
N SER A 30 6.89 11.31 5.92
CA SER A 30 6.34 12.20 4.89
C SER A 30 4.84 12.44 4.57
N LYS A 31 3.99 12.36 5.60
CA LYS A 31 2.52 12.34 5.58
C LYS A 31 1.95 10.93 5.30
N SER A 32 2.77 9.92 5.12
CA SER A 32 2.36 8.52 5.02
C SER A 32 1.92 7.74 6.27
N LEU A 33 0.87 8.21 6.98
CA LEU A 33 0.28 7.51 8.07
C LEU A 33 -1.12 7.07 7.70
N ALA A 34 -1.66 5.97 8.20
CA ALA A 34 -3.05 5.55 7.93
C ALA A 34 -3.70 5.22 9.24
N TRP A 35 -5.02 5.31 9.39
CA TRP A 35 -5.65 5.09 10.68
C TRP A 35 -6.74 4.07 10.52
N TYR A 36 -6.92 3.20 11.52
CA TYR A 36 -7.88 2.13 11.53
C TYR A 36 -8.80 2.13 12.74
N GLN A 37 -10.06 1.75 12.53
CA GLN A 37 -10.95 1.49 13.61
C GLN A 37 -11.21 -0.03 13.66
N GLU A 38 -11.03 -0.58 14.87
CA GLU A 38 -11.28 -1.98 15.22
C GLU A 38 -12.36 -2.10 16.33
N LYS A 39 -13.54 -2.49 15.88
CA LYS A 39 -14.71 -2.78 16.71
C LYS A 39 -14.85 -4.31 16.72
N PRO A 40 -15.10 -4.86 17.88
CA PRO A 40 -15.28 -6.28 18.08
C PRO A 40 -16.46 -6.83 17.33
N GLY A 41 -16.28 -7.88 16.55
CA GLY A 41 -17.33 -8.50 15.75
C GLY A 41 -17.43 -7.87 14.38
N LYS A 42 -16.28 -7.42 13.90
CA LYS A 42 -16.11 -6.58 12.73
C LYS A 42 -14.65 -6.63 12.29
N THR A 43 -14.62 -6.75 10.95
CA THR A 43 -13.43 -6.61 10.10
C THR A 43 -12.78 -5.21 10.30
N ASN A 44 -11.46 -5.05 10.15
CA ASN A 44 -10.77 -3.78 10.45
C ASN A 44 -11.03 -2.70 9.39
N ASN A 45 -11.38 -1.50 9.85
CA ASN A 45 -11.86 -0.42 8.99
C ASN A 45 -10.79 0.60 8.70
N LEU A 46 -10.39 0.89 7.48
CA LEU A 46 -9.47 1.94 7.17
C LEU A 46 -10.29 3.22 7.13
N LEU A 47 -10.05 4.13 8.06
CA LEU A 47 -10.67 5.46 8.18
C LEU A 47 -9.99 6.46 7.26
N ILE A 48 -8.68 6.62 7.44
CA ILE A 48 -7.90 7.70 6.82
C ILE A 48 -6.62 7.07 6.34
N TYR A 49 -6.13 7.69 5.27
CA TYR A 49 -4.92 7.28 4.68
C TYR A 49 -4.21 8.52 4.12
N SER A 50 -2.89 8.40 4.28
CA SER A 50 -1.88 9.41 3.93
C SER A 50 -2.23 10.67 4.64
N GLY A 51 -1.87 10.71 5.93
CA GLY A 51 -2.00 11.89 6.77
C GLY A 51 -3.44 12.35 6.87
N SER A 52 -3.90 12.99 5.81
CA SER A 52 -5.23 13.56 5.69
C SER A 52 -6.35 12.89 4.83
N THR A 53 -6.09 12.00 3.85
CA THR A 53 -7.16 11.64 2.88
C THR A 53 -8.19 10.68 3.46
N LEU A 54 -9.46 10.90 3.09
CA LEU A 54 -10.50 10.09 3.67
C LEU A 54 -10.71 8.90 2.76
N GLN A 55 -10.84 7.79 3.49
CA GLN A 55 -11.21 6.60 2.80
C GLN A 55 -12.65 6.88 2.42
N SER A 56 -13.04 6.38 1.27
CA SER A 56 -14.41 6.53 0.83
C SER A 56 -15.38 5.77 1.75
N GLY A 57 -16.42 6.58 2.03
CA GLY A 57 -17.58 6.07 2.72
C GLY A 57 -17.62 6.49 4.17
N ILE A 58 -16.55 7.11 4.74
CA ILE A 58 -16.51 7.37 6.15
C ILE A 58 -17.07 8.69 6.64
N PRO A 59 -17.72 8.79 7.83
CA PRO A 59 -18.31 10.04 8.23
C PRO A 59 -17.19 11.05 8.52
N SER A 60 -17.40 12.20 7.85
CA SER A 60 -16.64 13.43 7.88
C SER A 60 -16.09 13.81 9.22
N ARG A 61 -16.71 13.36 10.29
CA ARG A 61 -16.27 13.73 11.61
C ARG A 61 -14.89 13.17 11.89
N PHE A 62 -14.42 12.27 11.04
CA PHE A 62 -13.11 11.67 11.15
C PHE A 62 -12.06 12.53 10.49
N SER A 63 -11.02 12.92 11.26
CA SER A 63 -9.99 13.81 10.68
C SER A 63 -8.56 13.64 11.13
N GLY A 64 -7.65 13.67 10.18
CA GLY A 64 -6.25 13.57 10.44
C GLY A 64 -5.45 14.68 9.84
N SER A 65 -4.51 14.97 10.74
CA SER A 65 -3.52 16.00 10.57
C SER A 65 -2.07 15.56 10.89
N GLY A 66 -1.00 16.12 10.35
CA GLY A 66 0.36 15.69 10.58
C GLY A 66 1.14 15.64 9.25
N SER A 67 2.44 15.63 9.46
CA SER A 67 3.34 15.70 8.36
C SER A 67 4.58 14.77 8.43
N GLY A 68 5.38 14.77 9.51
CA GLY A 68 6.54 13.92 9.51
C GLY A 68 6.53 12.94 10.64
N THR A 69 6.49 13.46 11.85
CA THR A 69 6.52 12.69 13.09
C THR A 69 5.21 12.74 13.90
N ASP A 70 4.53 13.89 14.10
CA ASP A 70 3.30 13.84 14.87
C ASP A 70 2.18 14.00 13.88
N PHE A 71 1.14 13.18 14.09
CA PHE A 71 -0.11 13.11 13.33
C PHE A 71 -1.21 12.88 14.37
N THR A 72 -2.45 13.22 14.03
CA THR A 72 -3.54 13.12 14.98
C THR A 72 -4.76 12.61 14.23
N LEU A 73 -5.63 12.06 15.07
CA LEU A 73 -6.94 11.64 14.64
C LEU A 73 -7.73 12.41 15.63
N THR A 74 -8.66 13.12 15.02
CA THR A 74 -9.73 13.91 15.61
C THR A 74 -11.05 13.22 15.26
N ILE A 75 -11.80 12.99 16.31
CA ILE A 75 -13.09 12.38 16.08
C ILE A 75 -14.08 13.35 16.77
N SER A 76 -14.95 14.13 16.11
CA SER A 76 -15.91 14.95 16.85
C SER A 76 -17.11 14.07 17.09
N SER A 77 -18.26 14.58 17.51
CA SER A 77 -19.50 13.90 17.79
C SER A 77 -19.57 12.39 17.84
N LEU A 78 -19.08 12.13 19.04
CA LEU A 78 -19.06 10.76 19.48
C LEU A 78 -20.50 10.19 19.55
N GLU A 79 -20.55 9.13 18.68
CA GLU A 79 -21.67 8.24 18.40
C GLU A 79 -21.36 7.12 19.30
N PRO A 80 -22.35 6.43 19.85
CA PRO A 80 -22.07 5.39 20.80
C PRO A 80 -21.35 4.17 20.15
N GLU A 81 -21.30 4.15 18.79
CA GLU A 81 -20.74 2.99 18.18
C GLU A 81 -19.37 3.29 17.67
N ASP A 82 -18.94 4.54 17.69
CA ASP A 82 -17.60 4.69 17.20
C ASP A 82 -16.71 4.67 18.46
N PHE A 83 -16.83 3.61 19.23
CA PHE A 83 -16.11 3.36 20.46
C PHE A 83 -15.52 1.95 20.22
N ALA A 84 -14.21 2.01 20.02
CA ALA A 84 -13.46 0.92 19.39
C ALA A 84 -11.93 1.08 19.67
N MET A 85 -11.03 0.29 19.05
CA MET A 85 -9.57 0.43 19.08
C MET A 85 -9.18 1.28 17.85
N TYR A 86 -8.23 2.20 17.91
CA TYR A 86 -7.88 2.97 16.71
C TYR A 86 -6.40 2.69 16.61
N ILE A 87 -5.86 2.47 15.41
CA ILE A 87 -4.46 2.01 15.24
C ILE A 87 -3.93 2.89 14.15
N CYS A 88 -2.76 3.56 14.33
CA CYS A 88 -2.14 4.27 13.20
C CYS A 88 -1.13 3.34 12.56
N GLN A 89 -0.70 3.52 11.33
CA GLN A 89 0.18 2.64 10.58
C GLN A 89 0.93 3.46 9.50
N GLN A 90 2.26 3.33 9.54
CA GLN A 90 3.10 4.03 8.60
C GLN A 90 3.17 3.18 7.34
N HIS A 91 3.07 3.86 6.22
CA HIS A 91 3.17 3.20 4.95
C HIS A 91 4.16 3.91 4.04
N ASN A 92 5.25 4.53 4.53
CA ASN A 92 6.25 5.31 3.78
C ASN A 92 7.40 4.42 3.41
N GLU A 93 7.63 3.37 4.17
CA GLU A 93 8.68 2.48 3.81
C GLU A 93 8.46 1.24 4.63
N TYR A 94 9.12 0.22 4.09
CA TYR A 94 9.16 -1.07 4.68
C TYR A 94 9.95 -1.13 5.99
N PRO A 95 9.64 -2.03 6.97
CA PRO A 95 8.40 -2.80 7.03
C PRO A 95 7.21 -1.92 7.34
N TRP A 96 6.00 -2.28 6.94
CA TRP A 96 4.85 -1.56 7.40
C TRP A 96 4.73 -1.79 8.93
N THR A 97 4.66 -0.67 9.70
CA THR A 97 4.48 -0.74 11.14
C THR A 97 3.25 0.04 11.66
N PHE A 98 2.73 -0.48 12.76
CA PHE A 98 1.53 -0.04 13.43
C PHE A 98 1.82 0.57 14.81
N GLY A 99 0.88 1.30 15.40
CA GLY A 99 0.98 1.84 16.72
C GLY A 99 0.59 0.77 17.67
N GLY A 100 0.32 1.23 18.86
CA GLY A 100 -0.13 0.37 19.89
C GLY A 100 -1.66 0.34 19.99
N GLY A 101 -2.51 1.28 19.60
CA GLY A 101 -3.92 1.17 19.81
C GLY A 101 -4.36 2.12 20.96
N THR A 102 -5.44 2.89 20.79
CA THR A 102 -6.12 3.65 21.81
C THR A 102 -7.37 2.80 21.92
N LYS A 103 -7.78 2.37 23.11
CA LYS A 103 -9.05 1.63 23.31
C LYS A 103 -9.87 2.80 23.70
N LEU A 104 -10.93 3.02 22.93
CA LEU A 104 -11.84 4.11 23.19
C LEU A 104 -13.17 3.57 23.76
N GLU A 105 -13.41 3.78 25.07
CA GLU A 105 -14.61 3.32 25.76
C GLU A 105 -15.74 4.33 25.89
N ILE A 106 -16.98 3.99 25.58
CA ILE A 106 -18.09 4.89 25.84
C ILE A 106 -18.25 5.09 27.36
N LYS A 107 -18.43 6.34 27.80
CA LYS A 107 -18.52 6.66 29.22
C LYS A 107 -19.91 6.61 29.84
N ARG A 108 -19.84 6.23 31.15
CA ARG A 108 -20.98 6.15 32.09
C ARG A 108 -20.40 6.22 33.53
N GLN B 1 -18.19 -6.86 -4.24
CA GLN B 1 -17.89 -6.60 -2.82
C GLN B 1 -16.61 -7.40 -2.62
N VAL B 2 -15.56 -6.61 -2.48
CA VAL B 2 -14.17 -7.04 -2.25
C VAL B 2 -14.27 -7.78 -0.92
N GLN B 3 -13.65 -8.96 -0.82
CA GLN B 3 -13.86 -9.77 0.34
C GLN B 3 -12.73 -10.79 0.43
N LEU B 4 -12.15 -10.82 1.60
CA LEU B 4 -11.00 -11.66 1.86
C LEU B 4 -11.50 -12.55 2.95
N GLN B 5 -11.54 -13.84 2.83
CA GLN B 5 -12.03 -14.58 3.94
C GLN B 5 -11.03 -15.67 4.14
N GLN B 6 -10.61 -15.79 5.38
CA GLN B 6 -9.57 -16.72 5.73
C GLN B 6 -10.07 -18.01 6.26
N SER B 7 -9.16 -18.96 6.46
CA SER B 7 -9.50 -20.25 7.02
C SER B 7 -9.74 -20.16 8.55
N GLY B 8 -10.27 -21.30 9.04
CA GLY B 8 -10.61 -21.51 10.43
C GLY B 8 -9.46 -21.72 11.40
N ALA B 9 -9.85 -21.83 12.65
CA ALA B 9 -8.88 -21.90 13.70
C ALA B 9 -8.19 -23.21 13.57
N GLU B 10 -6.95 -23.08 14.05
CA GLU B 10 -5.95 -24.09 14.02
C GLU B 10 -5.38 -24.43 15.36
N LEU B 11 -5.12 -25.69 15.65
CA LEU B 11 -4.41 -26.05 16.85
C LEU B 11 -3.27 -26.88 16.30
N VAL B 12 -2.10 -26.49 16.66
CA VAL B 12 -1.03 -27.14 16.11
C VAL B 12 -0.11 -27.41 17.27
N ARG B 13 0.42 -28.63 17.16
CA ARG B 13 1.41 -29.18 18.08
C ARG B 13 2.65 -28.36 17.76
N PRO B 14 3.48 -27.92 18.71
CA PRO B 14 4.80 -27.35 18.44
C PRO B 14 5.63 -28.10 17.41
N GLY B 15 6.17 -27.17 16.65
CA GLY B 15 7.01 -27.49 15.56
C GLY B 15 6.26 -28.14 14.43
N ALA B 16 4.94 -28.38 14.33
CA ALA B 16 4.43 -29.11 13.18
C ALA B 16 4.08 -27.99 12.24
N SER B 17 4.09 -28.05 10.90
CA SER B 17 3.76 -26.84 10.14
C SER B 17 2.29 -26.57 9.99
N VAL B 18 1.80 -25.36 9.71
CA VAL B 18 0.39 -25.07 9.43
C VAL B 18 0.23 -24.09 8.25
N LYS B 19 -0.60 -24.34 7.24
CA LYS B 19 -0.74 -23.43 6.11
C LYS B 19 -2.06 -22.64 6.16
N LEU B 20 -2.05 -21.32 6.33
CA LEU B 20 -3.26 -20.55 6.35
C LEU B 20 -3.61 -20.12 4.95
N SER B 21 -4.88 -19.85 4.65
CA SER B 21 -5.38 -19.54 3.33
C SER B 21 -6.27 -18.32 3.50
N CYS B 22 -6.47 -17.60 2.40
CA CYS B 22 -7.26 -16.38 2.30
C CYS B 22 -7.75 -16.19 0.88
N LYS B 23 -8.93 -16.72 0.71
CA LYS B 23 -9.65 -16.65 -0.54
C LYS B 23 -10.13 -15.23 -0.85
N ALA B 24 -9.68 -14.67 -1.98
CA ALA B 24 -10.01 -13.30 -2.29
C ALA B 24 -11.20 -13.22 -3.22
N SER B 25 -12.17 -12.26 -3.14
CA SER B 25 -13.19 -12.06 -4.22
C SER B 25 -13.64 -10.60 -4.37
N GLY B 26 -14.54 -10.30 -5.32
CA GLY B 26 -14.93 -8.97 -5.49
C GLY B 26 -13.88 -8.19 -6.25
N TYR B 27 -12.69 -8.59 -6.67
CA TYR B 27 -11.83 -7.73 -7.49
C TYR B 27 -10.91 -8.65 -8.21
N THR B 28 -10.04 -8.06 -9.06
CA THR B 28 -9.12 -8.95 -9.83
C THR B 28 -7.82 -9.16 -9.09
N PHE B 29 -7.88 -10.28 -8.38
CA PHE B 29 -6.86 -10.61 -7.42
C PHE B 29 -5.38 -10.34 -7.71
N ILE B 30 -4.94 -10.70 -8.92
CA ILE B 30 -3.53 -10.68 -9.23
C ILE B 30 -2.89 -9.30 -9.26
N SER B 31 -3.77 -8.28 -9.29
CA SER B 31 -3.52 -6.85 -9.35
C SER B 31 -3.27 -6.17 -8.00
N TYR B 32 -3.57 -6.76 -6.86
CA TYR B 32 -3.31 -6.14 -5.55
C TYR B 32 -2.33 -6.86 -4.66
N TRP B 33 -1.61 -6.14 -3.80
CA TRP B 33 -0.64 -6.78 -2.94
C TRP B 33 -1.40 -7.32 -1.80
N ILE B 34 -1.04 -8.55 -1.42
CA ILE B 34 -1.71 -9.11 -0.23
C ILE B 34 -0.65 -9.04 0.85
N ASN B 35 -1.09 -8.77 2.06
CA ASN B 35 -0.19 -8.78 3.16
C ASN B 35 -0.64 -9.78 4.13
N TRP B 36 0.21 -10.02 5.08
CA TRP B 36 -0.20 -10.81 6.24
C TRP B 36 0.29 -10.13 7.51
N VAL B 37 -0.61 -9.97 8.49
CA VAL B 37 -0.44 -9.23 9.77
C VAL B 37 -0.66 -10.19 10.97
N LYS B 38 -0.10 -9.98 12.13
CA LYS B 38 -0.35 -10.85 13.24
C LYS B 38 -0.56 -10.00 14.45
N GLN B 39 -1.41 -10.50 15.34
CA GLN B 39 -1.56 -9.87 16.63
C GLN B 39 -1.83 -10.87 17.72
N ARG B 40 -1.04 -10.60 18.74
CA ARG B 40 -1.07 -11.30 20.04
C ARG B 40 -1.64 -10.24 21.02
N PRO B 41 -2.20 -10.55 22.20
CA PRO B 41 -2.77 -9.55 23.08
C PRO B 41 -1.65 -8.84 23.75
N GLY B 42 -1.69 -7.54 23.72
CA GLY B 42 -0.65 -6.76 24.40
C GLY B 42 0.49 -6.23 23.50
N GLN B 43 0.74 -7.00 22.45
CA GLN B 43 1.66 -6.57 21.44
C GLN B 43 0.77 -5.73 20.57
N GLY B 44 1.36 -4.92 19.66
CA GLY B 44 0.54 -4.25 18.65
C GLY B 44 0.46 -5.23 17.46
N LEU B 45 0.26 -4.68 16.25
CA LEU B 45 0.18 -5.56 15.08
C LEU B 45 1.58 -5.47 14.53
N GLU B 46 1.96 -6.61 13.96
CA GLU B 46 3.23 -6.82 13.34
C GLU B 46 3.04 -7.22 11.87
N TRP B 47 3.82 -6.70 10.91
CA TRP B 47 3.64 -7.14 9.54
C TRP B 47 4.53 -8.35 9.21
N ILE B 48 3.96 -9.44 8.65
CA ILE B 48 4.71 -10.53 8.12
C ILE B 48 5.37 -10.14 6.75
N GLY B 49 4.62 -9.68 5.81
CA GLY B 49 5.18 -9.39 4.50
C GLY B 49 4.00 -9.25 3.55
N ASN B 50 4.37 -9.10 2.32
CA ASN B 50 3.47 -9.08 1.24
C ASN B 50 4.03 -9.87 0.06
N ILE B 51 3.10 -10.04 -0.86
CA ILE B 51 3.40 -10.67 -2.14
C ILE B 51 2.57 -9.95 -3.19
N TYR B 52 3.00 -9.84 -4.45
CA TYR B 52 2.21 -9.28 -5.56
C TYR B 52 1.84 -10.48 -6.37
N PRO B 53 0.58 -10.80 -6.62
CA PRO B 53 0.18 -12.07 -7.16
C PRO B 53 0.49 -12.33 -8.60
N SER B 54 0.59 -11.46 -9.58
CA SER B 54 1.01 -11.85 -10.93
C SER B 54 2.45 -12.30 -11.02
N ASP B 55 3.24 -12.28 -9.98
CA ASP B 55 4.61 -12.65 -10.18
C ASP B 55 5.13 -13.21 -8.94
N SER B 56 4.33 -13.44 -7.89
CA SER B 56 4.81 -13.89 -6.59
C SER B 56 6.02 -13.16 -6.04
N TYR B 57 6.19 -11.92 -6.46
CA TYR B 57 7.22 -11.04 -5.96
C TYR B 57 6.80 -10.75 -4.53
N THR B 58 7.64 -11.21 -3.61
CA THR B 58 7.51 -11.19 -2.15
C THR B 58 8.51 -10.35 -1.40
N ASN B 59 7.95 -9.51 -0.52
CA ASN B 59 8.70 -8.68 0.43
C ASN B 59 8.45 -9.20 1.82
N TYR B 60 9.46 -9.52 2.64
CA TYR B 60 9.40 -10.10 4.00
C TYR B 60 9.88 -9.21 5.15
N ASN B 61 9.15 -9.05 6.25
CA ASN B 61 9.71 -8.33 7.41
C ASN B 61 10.97 -9.13 7.81
N GLN B 62 12.15 -8.53 8.02
CA GLN B 62 13.36 -9.28 8.40
C GLN B 62 13.22 -10.22 9.61
N LYS B 63 12.30 -9.85 10.52
CA LYS B 63 11.95 -10.61 11.70
C LYS B 63 11.16 -11.91 11.38
N PHE B 64 10.34 -11.98 10.32
CA PHE B 64 9.55 -13.13 9.94
C PHE B 64 10.08 -14.06 8.82
N LYS B 65 11.00 -13.56 8.03
CA LYS B 65 11.51 -14.26 6.86
C LYS B 65 12.11 -15.66 7.02
N ASP B 66 12.39 -15.94 8.29
CA ASP B 66 12.91 -17.22 8.66
C ASP B 66 11.98 -18.32 9.12
N LYS B 67 10.78 -17.83 9.39
CA LYS B 67 9.70 -18.49 10.05
C LYS B 67 8.46 -18.57 9.18
N ALA B 68 8.17 -17.81 8.12
CA ALA B 68 6.94 -17.88 7.35
C ALA B 68 7.14 -17.81 5.85
N THR B 69 6.27 -18.40 5.04
CA THR B 69 6.32 -18.48 3.56
C THR B 69 5.02 -17.96 3.02
N LEU B 70 5.07 -16.94 2.15
CA LEU B 70 3.92 -16.35 1.45
C LEU B 70 3.89 -16.84 -0.01
N THR B 71 2.75 -17.39 -0.38
CA THR B 71 2.48 -18.09 -1.60
C THR B 71 1.03 -17.83 -2.04
N VAL B 72 0.78 -17.85 -3.35
CA VAL B 72 -0.50 -17.54 -3.93
C VAL B 72 -0.91 -18.58 -4.97
N ASP B 73 -2.16 -18.95 -5.18
CA ASP B 73 -2.52 -19.82 -6.29
C ASP B 73 -3.32 -18.84 -7.11
N LYS B 74 -2.71 -18.32 -8.20
CA LYS B 74 -3.40 -17.34 -9.09
C LYS B 74 -4.78 -17.80 -9.53
N SER B 75 -4.89 -18.94 -10.20
CA SER B 75 -6.12 -19.65 -10.57
C SER B 75 -7.33 -19.65 -9.62
N SER B 76 -7.11 -20.12 -8.39
CA SER B 76 -8.12 -20.17 -7.39
C SER B 76 -8.07 -18.88 -6.57
N SER B 77 -7.29 -17.78 -6.79
CA SER B 77 -7.28 -16.53 -6.00
C SER B 77 -7.20 -16.73 -4.54
N THR B 78 -6.30 -17.62 -4.16
CA THR B 78 -6.11 -17.85 -2.75
C THR B 78 -4.70 -17.42 -2.41
N ALA B 79 -4.53 -16.69 -1.34
CA ALA B 79 -3.24 -16.28 -0.81
C ALA B 79 -3.05 -17.27 0.32
N TYR B 80 -1.79 -17.65 0.55
CA TYR B 80 -1.38 -18.63 1.52
C TYR B 80 -0.28 -18.06 2.35
N MET B 81 -0.15 -18.57 3.55
CA MET B 81 0.93 -18.22 4.44
C MET B 81 1.22 -19.52 5.19
N GLN B 82 2.42 -20.04 5.18
CA GLN B 82 2.72 -21.19 6.01
C GLN B 82 3.68 -20.80 7.12
N LEU B 83 3.63 -21.47 8.26
CA LEU B 83 4.69 -21.41 9.23
C LEU B 83 5.21 -22.83 9.35
N SER B 84 6.47 -22.76 9.13
CA SER B 84 7.42 -23.85 9.11
C SER B 84 7.70 -23.93 10.63
N SER B 85 7.55 -25.06 11.30
CA SER B 85 7.74 -25.06 12.74
C SER B 85 7.29 -23.88 13.64
N PRO B 86 5.98 -23.74 14.02
CA PRO B 86 5.48 -22.82 15.06
C PRO B 86 5.92 -23.15 16.44
N THR B 87 6.53 -22.20 17.14
CA THR B 87 6.79 -22.37 18.57
C THR B 87 5.64 -21.74 19.34
N SER B 88 5.66 -21.65 20.66
CA SER B 88 4.54 -21.15 21.50
C SER B 88 3.94 -19.73 21.29
N GLU B 89 4.87 -18.84 21.00
CA GLU B 89 4.62 -17.46 20.66
C GLU B 89 3.79 -17.09 19.41
N ASP B 90 3.93 -17.98 18.42
CA ASP B 90 3.25 -17.85 17.14
C ASP B 90 1.77 -18.11 17.38
N SER B 91 1.28 -18.40 18.59
CA SER B 91 -0.16 -18.54 18.86
C SER B 91 -0.62 -17.09 18.86
N ALA B 92 -1.49 -16.74 17.88
CA ALA B 92 -1.95 -15.38 17.65
C ALA B 92 -3.16 -15.44 16.71
N VAL B 93 -3.48 -14.28 16.15
CA VAL B 93 -4.50 -14.16 15.11
C VAL B 93 -3.77 -13.71 13.89
N TYR B 94 -3.96 -14.30 12.72
CA TYR B 94 -3.24 -13.85 11.54
C TYR B 94 -4.25 -13.29 10.56
N TYR B 95 -3.90 -12.10 10.05
CA TYR B 95 -4.76 -11.29 9.23
C TYR B 95 -4.33 -11.15 7.80
N CYS B 96 -5.10 -11.50 6.73
CA CYS B 96 -4.71 -11.16 5.35
C CYS B 96 -5.48 -9.85 5.03
N THR B 97 -4.87 -8.85 4.42
CA THR B 97 -5.43 -7.54 4.21
C THR B 97 -5.04 -7.22 2.73
N ARG B 98 -5.78 -6.47 1.92
CA ARG B 98 -5.37 -6.17 0.58
C ARG B 98 -4.76 -4.81 0.65
N ASP B 99 -3.76 -4.50 -0.15
CA ASP B 99 -3.09 -3.21 -0.13
C ASP B 99 -3.93 -2.28 -0.98
N ASP B 100 -4.28 -1.11 -0.47
CA ASP B 100 -5.03 -0.14 -1.23
C ASP B 100 -4.42 0.47 -2.48
N ASN B 101 -3.14 0.18 -2.79
CA ASN B 101 -2.26 0.69 -3.85
C ASN B 101 -1.23 1.74 -3.40
N TYR B 102 -1.48 2.26 -2.16
CA TYR B 102 -0.64 3.17 -1.36
C TYR B 102 0.29 2.59 -0.25
N GLY B 103 -0.14 1.50 0.34
CA GLY B 103 0.58 0.93 1.43
C GLY B 103 -0.41 0.87 2.58
N ALA B 104 -1.60 1.46 2.53
CA ALA B 104 -2.52 1.18 3.63
C ALA B 104 -3.38 -0.03 3.30
N MET B 105 -4.15 -0.63 4.18
CA MET B 105 -4.85 -1.83 3.90
C MET B 105 -6.32 -1.53 3.89
N ASP B 106 -7.00 -1.57 2.77
CA ASP B 106 -8.38 -1.15 2.71
C ASP B 106 -9.41 -2.20 2.96
N TYR B 107 -9.15 -3.48 2.71
CA TYR B 107 -10.03 -4.54 3.15
C TYR B 107 -9.17 -5.48 3.99
N TRP B 108 -9.82 -6.24 4.86
CA TRP B 108 -9.21 -7.13 5.85
C TRP B 108 -9.88 -8.52 5.83
N GLY B 109 -9.24 -9.59 6.31
CA GLY B 109 -9.88 -10.87 6.35
C GLY B 109 -10.55 -10.92 7.69
N GLN B 110 -11.32 -11.97 8.05
CA GLN B 110 -11.85 -12.04 9.41
C GLN B 110 -10.75 -12.26 10.47
N GLY B 111 -9.77 -13.10 10.20
CA GLY B 111 -8.64 -13.41 11.06
C GLY B 111 -8.65 -14.92 11.34
N THR B 112 -7.46 -15.46 11.70
CA THR B 112 -7.27 -16.85 12.04
C THR B 112 -6.49 -17.04 13.30
N THR B 113 -7.07 -17.65 14.32
CA THR B 113 -6.41 -18.06 15.57
C THR B 113 -5.65 -19.32 15.34
N VAL B 114 -4.38 -19.20 15.60
CA VAL B 114 -3.53 -20.35 15.41
C VAL B 114 -3.10 -20.59 16.84
N THR B 115 -3.54 -21.66 17.41
CA THR B 115 -3.17 -22.01 18.73
C THR B 115 -2.07 -23.07 18.68
N VAL B 116 -0.83 -22.75 18.99
CA VAL B 116 0.25 -23.70 19.03
C VAL B 116 0.11 -24.19 20.47
N LYS C 1 17.42 12.20 -25.15
CA LYS C 1 17.76 13.22 -24.20
C LYS C 1 17.76 12.57 -22.81
N VAL C 2 18.81 12.78 -22.02
CA VAL C 2 18.98 12.30 -20.65
C VAL C 2 18.84 13.53 -19.77
N TYR C 3 17.99 13.24 -18.75
CA TYR C 3 17.45 14.09 -17.68
C TYR C 3 18.27 14.02 -16.45
N GLY C 4 18.44 15.16 -15.82
CA GLY C 4 19.05 15.17 -14.54
C GLY C 4 17.83 15.04 -13.64
N ARG C 5 17.79 14.30 -12.52
CA ARG C 5 16.54 14.13 -11.75
C ARG C 5 15.78 15.35 -11.37
N CYS C 6 16.43 16.41 -10.87
CA CYS C 6 15.74 17.64 -10.59
C CYS C 6 15.12 18.23 -11.85
N GLU C 7 15.86 18.32 -12.99
CA GLU C 7 15.34 18.72 -14.32
C GLU C 7 14.10 17.86 -14.60
N LEU C 8 14.12 16.55 -14.37
CA LEU C 8 12.91 15.77 -14.55
C LEU C 8 11.81 16.18 -13.56
N ALA C 9 12.07 16.12 -12.24
CA ALA C 9 11.13 16.45 -11.19
C ALA C 9 10.44 17.77 -11.44
N ALA C 10 11.13 18.88 -11.64
CA ALA C 10 10.45 20.17 -11.88
C ALA C 10 9.50 20.16 -13.06
N ALA C 11 9.72 19.39 -14.09
CA ALA C 11 8.86 19.33 -15.25
C ALA C 11 7.66 18.45 -15.05
N MET C 12 7.79 17.51 -14.14
CA MET C 12 6.69 16.63 -13.77
C MET C 12 5.77 17.38 -12.85
N LYS C 13 6.40 18.15 -11.98
CA LYS C 13 5.72 18.97 -11.00
C LYS C 13 5.02 20.20 -11.63
N ARG C 14 5.71 20.95 -12.48
CA ARG C 14 5.07 21.97 -13.34
C ARG C 14 3.94 21.28 -14.18
N MET C 15 4.05 20.03 -14.68
CA MET C 15 2.91 19.37 -15.34
C MET C 15 1.80 18.74 -14.46
N GLY C 16 1.78 19.10 -13.15
CA GLY C 16 0.80 18.70 -12.16
C GLY C 16 0.89 17.25 -11.71
N LEU C 17 1.99 16.50 -11.64
CA LEU C 17 1.87 15.08 -11.33
C LEU C 17 2.19 14.78 -9.86
N ASP C 18 2.67 15.82 -9.13
CA ASP C 18 2.90 15.70 -7.70
C ASP C 18 1.54 15.51 -7.01
N ASN C 19 1.33 14.30 -6.51
CA ASN C 19 0.18 13.90 -5.75
C ASN C 19 -1.12 13.79 -6.50
N TYR C 20 -0.94 13.71 -7.83
CA TYR C 20 -1.98 13.39 -8.76
C TYR C 20 -2.26 11.91 -8.42
N ARG C 21 -3.51 11.54 -8.25
CA ARG C 21 -4.00 10.22 -7.78
C ARG C 21 -3.26 9.56 -6.57
N GLY C 22 -2.82 10.46 -5.68
CA GLY C 22 -2.22 10.16 -4.39
C GLY C 22 -0.74 9.85 -4.43
N TYR C 23 -0.16 9.91 -5.61
CA TYR C 23 1.22 9.59 -5.73
C TYR C 23 2.07 10.85 -5.71
N SER C 24 2.87 11.04 -4.64
CA SER C 24 3.70 12.23 -4.53
C SER C 24 4.79 12.26 -5.59
N LEU C 25 5.54 13.37 -5.62
CA LEU C 25 6.48 13.55 -6.70
C LEU C 25 7.51 12.44 -6.65
N GLY C 26 8.23 12.23 -5.53
CA GLY C 26 9.18 11.17 -5.37
C GLY C 26 8.81 9.97 -6.19
N ASN C 27 7.55 9.49 -6.14
CA ASN C 27 7.13 8.29 -6.92
C ASN C 27 7.34 8.27 -8.47
N TRP C 28 6.89 9.31 -9.10
CA TRP C 28 7.08 9.55 -10.51
C TRP C 28 8.54 9.60 -10.93
N VAL C 29 9.39 10.22 -10.11
CA VAL C 29 10.81 10.44 -10.38
C VAL C 29 11.55 9.12 -10.17
N CYS C 30 11.30 8.42 -9.09
CA CYS C 30 11.89 7.11 -8.86
C CYS C 30 11.51 6.15 -9.97
N ALA C 31 10.26 6.15 -10.44
CA ALA C 31 9.90 5.16 -11.45
C ALA C 31 10.52 5.54 -12.75
N ALA C 32 10.71 6.81 -13.13
CA ALA C 32 11.33 7.07 -14.42
C ALA C 32 12.80 6.61 -14.43
N LYS C 33 13.48 6.76 -13.31
CA LYS C 33 14.86 6.32 -13.03
C LYS C 33 15.10 4.82 -13.21
N PHE C 34 14.20 3.98 -12.68
CA PHE C 34 14.34 2.55 -12.82
C PHE C 34 13.70 2.06 -14.10
N GLU C 35 12.62 2.72 -14.53
CA GLU C 35 12.02 2.38 -15.80
C GLU C 35 12.89 2.88 -16.91
N SER C 36 13.23 4.11 -17.24
CA SER C 36 14.19 4.28 -18.35
C SER C 36 15.57 4.84 -18.00
N ASN C 37 15.86 5.10 -16.73
CA ASN C 37 17.11 5.70 -16.28
C ASN C 37 17.30 7.07 -16.96
N PHE C 38 16.22 7.83 -16.83
CA PHE C 38 16.06 9.20 -17.28
C PHE C 38 16.47 9.41 -18.73
N ASN C 39 15.91 8.62 -19.62
CA ASN C 39 16.28 8.70 -20.99
C ASN C 39 15.00 8.67 -21.76
N THR C 40 14.55 9.78 -22.27
CA THR C 40 13.30 9.76 -23.00
C THR C 40 13.29 8.89 -24.29
N GLY C 41 14.50 8.49 -24.75
CA GLY C 41 14.69 7.68 -25.95
C GLY C 41 14.75 6.19 -25.67
N ALA C 42 14.57 5.71 -24.42
CA ALA C 42 14.59 4.29 -24.06
C ALA C 42 13.54 3.42 -24.73
N THR C 43 13.84 2.15 -25.00
CA THR C 43 13.00 1.12 -25.69
C THR C 43 13.11 -0.27 -24.99
N ASN C 44 12.16 -1.21 -25.01
CA ASN C 44 12.40 -2.54 -24.45
C ASN C 44 11.31 -3.45 -24.99
N ARG C 45 11.69 -4.67 -25.31
CA ARG C 45 10.83 -5.53 -26.06
C ARG C 45 10.61 -6.67 -25.16
N ASN C 46 9.34 -6.87 -24.88
CA ASN C 46 8.90 -7.93 -23.97
C ASN C 46 8.50 -9.20 -24.72
N THR C 47 8.26 -10.33 -24.03
CA THR C 47 7.85 -11.59 -24.61
C THR C 47 6.55 -11.44 -25.40
N ASP C 48 5.61 -10.56 -25.08
CA ASP C 48 4.40 -10.50 -25.90
C ASP C 48 4.68 -9.92 -27.29
N GLY C 49 5.92 -9.64 -27.74
CA GLY C 49 6.15 -9.00 -29.05
C GLY C 49 5.77 -7.50 -29.09
N SER C 50 5.91 -6.90 -27.90
CA SER C 50 5.51 -5.53 -27.58
C SER C 50 6.53 -4.74 -26.78
N THR C 51 6.58 -3.50 -27.27
CA THR C 51 7.53 -2.52 -26.81
C THR C 51 7.00 -1.40 -25.91
N ASP C 52 7.94 -1.09 -25.00
CA ASP C 52 7.88 -0.03 -24.02
C ASP C 52 8.64 1.12 -24.57
N TYR C 53 8.00 2.26 -24.38
CA TYR C 53 8.57 3.46 -24.89
C TYR C 53 8.90 4.55 -23.89
N GLY C 54 10.11 5.06 -24.07
CA GLY C 54 10.66 6.22 -23.38
C GLY C 54 10.78 6.18 -21.86
N ILE C 55 10.85 7.44 -21.39
CA ILE C 55 11.01 7.84 -19.97
C ILE C 55 10.19 7.02 -18.97
N LEU C 56 8.89 6.81 -19.19
CA LEU C 56 8.09 6.01 -18.30
C LEU C 56 7.66 4.66 -18.89
N GLN C 57 8.56 3.90 -19.46
CA GLN C 57 8.26 2.70 -20.28
C GLN C 57 6.81 2.22 -20.54
N ILE C 58 6.13 3.10 -21.32
CA ILE C 58 4.76 2.83 -21.71
C ILE C 58 4.66 1.78 -22.82
N ASN C 59 3.92 0.75 -22.47
CA ASN C 59 3.72 -0.44 -23.28
C ASN C 59 2.76 -0.27 -24.42
N SER C 60 3.05 -0.90 -25.55
CA SER C 60 2.19 -0.85 -26.75
C SER C 60 1.05 -1.88 -27.06
N ARG C 61 0.68 -2.75 -26.11
CA ARG C 61 -0.39 -3.73 -26.21
C ARG C 61 -1.64 -2.92 -25.89
N TRP C 62 -1.47 -1.93 -25.02
CA TRP C 62 -2.60 -1.26 -24.49
C TRP C 62 -2.56 0.19 -24.79
N TRP C 63 -1.46 0.85 -24.43
CA TRP C 63 -1.47 2.30 -24.33
C TRP C 63 -1.34 3.09 -25.56
N CYS C 64 -0.52 2.61 -26.47
CA CYS C 64 -0.41 3.30 -27.72
C CYS C 64 -0.28 2.33 -28.85
N ASN C 65 -0.71 2.77 -30.03
CA ASN C 65 -0.34 1.86 -31.07
C ASN C 65 0.94 2.39 -31.67
N ASP C 66 1.76 1.34 -31.56
CA ASP C 66 3.09 1.28 -32.11
C ASP C 66 3.06 0.77 -33.54
N GLY C 67 2.06 0.04 -34.07
CA GLY C 67 2.13 -0.40 -35.48
C GLY C 67 2.53 -1.86 -35.53
N ARG C 68 3.49 -2.26 -34.70
CA ARG C 68 3.99 -3.61 -34.52
C ARG C 68 3.22 -4.45 -33.45
N THR C 69 2.19 -3.97 -32.68
CA THR C 69 1.47 -4.87 -31.76
C THR C 69 -0.01 -5.08 -32.16
N PRO C 70 -0.39 -6.30 -32.60
CA PRO C 70 -1.74 -6.64 -33.07
C PRO C 70 -2.81 -6.62 -31.98
N GLY C 71 -2.44 -6.64 -30.68
CA GLY C 71 -3.48 -6.56 -29.64
C GLY C 71 -3.80 -5.14 -29.14
N SER C 72 -3.32 -4.08 -29.75
CA SER C 72 -3.52 -2.75 -29.23
C SER C 72 -4.95 -2.27 -29.07
N LYS C 73 -5.07 -1.50 -27.99
CA LYS C 73 -6.26 -0.76 -27.65
C LYS C 73 -5.88 0.72 -27.77
N ASN C 74 -4.57 1.05 -27.72
CA ASN C 74 -4.00 2.43 -27.85
C ASN C 74 -4.78 3.48 -27.03
N LEU C 75 -4.77 3.22 -25.75
CA LEU C 75 -5.61 3.90 -24.83
C LEU C 75 -5.31 5.33 -24.44
N CYS C 76 -4.08 5.74 -24.61
CA CYS C 76 -3.84 7.13 -24.39
C CYS C 76 -4.13 7.74 -25.75
N HIS C 77 -4.30 6.96 -26.83
CA HIS C 77 -4.59 7.40 -28.18
C HIS C 77 -3.51 8.34 -28.62
N ILE C 78 -2.34 7.75 -28.95
CA ILE C 78 -1.18 8.50 -29.41
C ILE C 78 -0.33 7.54 -30.24
N PRO C 79 0.60 7.98 -31.10
CA PRO C 79 1.57 7.11 -31.76
C PRO C 79 2.60 6.80 -30.75
N CYS C 80 2.85 5.54 -30.36
CA CYS C 80 3.96 5.30 -29.46
C CYS C 80 5.25 6.12 -29.72
N SER C 81 5.58 6.49 -30.99
CA SER C 81 6.65 7.45 -31.38
C SER C 81 6.67 8.85 -30.74
N ALA C 82 5.50 9.35 -30.29
CA ALA C 82 5.30 10.59 -29.54
C ALA C 82 5.85 10.35 -28.15
N LEU C 83 5.69 9.17 -27.58
CA LEU C 83 6.23 8.88 -26.28
C LEU C 83 7.73 8.89 -25.99
N LEU C 84 8.49 9.11 -27.09
CA LEU C 84 9.96 9.17 -27.19
C LEU C 84 10.46 10.58 -27.53
N SER C 85 9.61 11.56 -27.37
CA SER C 85 10.12 12.90 -27.59
C SER C 85 11.08 13.36 -26.46
N SER C 86 11.91 14.40 -26.73
CA SER C 86 12.84 14.93 -25.71
C SER C 86 12.06 15.59 -24.58
N ASP C 87 10.81 15.85 -24.90
CA ASP C 87 9.96 16.60 -24.05
C ASP C 87 8.94 15.68 -23.36
N ILE C 88 8.89 15.44 -22.03
CA ILE C 88 7.92 14.52 -21.41
C ILE C 88 6.43 14.71 -21.53
N THR C 89 5.90 15.72 -22.21
CA THR C 89 4.48 16.04 -22.09
C THR C 89 3.45 14.93 -22.26
N ALA C 90 3.69 14.18 -23.36
CA ALA C 90 2.83 13.07 -23.77
C ALA C 90 3.00 11.84 -22.89
N SER C 91 4.22 11.61 -22.46
CA SER C 91 4.55 10.56 -21.57
C SER C 91 3.74 10.91 -20.34
N VAL C 92 3.76 12.13 -19.82
CA VAL C 92 2.97 12.41 -18.63
C VAL C 92 1.47 12.36 -18.89
N ASN C 93 0.88 12.86 -19.96
CA ASN C 93 -0.58 12.87 -20.03
C ASN C 93 -1.09 11.49 -20.21
N CYS C 94 -0.23 10.64 -20.76
CA CYS C 94 -0.57 9.25 -20.92
C CYS C 94 -0.34 8.58 -19.58
N ALA C 95 0.82 8.68 -18.92
CA ALA C 95 1.12 8.13 -17.58
C ALA C 95 0.01 8.42 -16.59
N LYS C 96 -0.64 9.57 -16.80
CA LYS C 96 -1.87 9.91 -16.13
C LYS C 96 -3.06 9.09 -16.60
N LYS C 97 -3.30 8.71 -17.83
CA LYS C 97 -4.34 7.73 -18.17
C LYS C 97 -4.01 6.45 -17.44
N ILE C 98 -2.74 6.03 -17.40
CA ILE C 98 -2.40 4.79 -16.69
C ILE C 98 -2.71 4.80 -15.20
N VAL C 99 -2.11 5.60 -14.33
CA VAL C 99 -2.33 5.53 -12.88
C VAL C 99 -3.76 5.74 -12.42
N SER C 100 -4.62 6.16 -13.31
CA SER C 100 -5.94 6.42 -12.89
C SER C 100 -6.70 5.12 -13.12
N ASP C 101 -6.17 4.06 -13.79
CA ASP C 101 -6.87 2.79 -14.01
C ASP C 101 -6.45 1.76 -13.00
N GLY C 102 -7.48 1.27 -12.30
CA GLY C 102 -7.38 0.31 -11.20
C GLY C 102 -6.28 -0.77 -11.29
N ASP C 103 -5.17 -0.22 -10.82
CA ASP C 103 -3.92 -0.90 -10.73
C ASP C 103 -3.01 0.12 -10.08
N GLY C 104 -3.11 1.42 -10.41
CA GLY C 104 -2.35 2.46 -9.72
C GLY C 104 -0.91 2.45 -10.18
N MET C 105 0.12 2.80 -9.43
CA MET C 105 1.50 2.78 -9.91
C MET C 105 2.13 1.41 -10.05
N ASN C 106 1.34 0.35 -9.74
CA ASN C 106 1.79 -1.06 -9.80
C ASN C 106 1.87 -1.50 -11.26
N ALA C 107 1.24 -0.73 -12.16
CA ALA C 107 1.40 -0.95 -13.60
C ALA C 107 2.82 -0.56 -14.01
N TRP C 108 3.75 -0.11 -13.13
CA TRP C 108 5.16 0.09 -13.44
C TRP C 108 5.95 -0.88 -12.59
N VAL C 109 6.51 -1.87 -13.29
CA VAL C 109 7.22 -3.03 -12.73
C VAL C 109 8.34 -2.58 -11.81
N ALA C 110 9.12 -1.63 -12.30
CA ALA C 110 10.29 -1.08 -11.64
C ALA C 110 9.97 -0.26 -10.39
N TRP C 111 8.70 0.19 -10.29
CA TRP C 111 8.20 1.01 -9.24
C TRP C 111 7.81 0.09 -8.13
N ARG C 112 7.15 -1.02 -8.44
CA ARG C 112 6.67 -1.92 -7.41
C ARG C 112 7.77 -2.76 -6.82
N LYS C 113 8.75 -3.04 -7.68
CA LYS C 113 9.98 -3.67 -7.22
C LYS C 113 11.02 -2.70 -6.62
N HIS C 114 11.29 -1.50 -7.17
CA HIS C 114 12.26 -0.58 -6.62
C HIS C 114 11.79 0.61 -5.81
N CYS C 115 10.52 0.99 -5.94
CA CYS C 115 10.11 2.17 -5.20
C CYS C 115 9.05 1.77 -4.18
N LYS C 116 8.05 0.88 -4.41
CA LYS C 116 7.08 0.61 -3.39
C LYS C 116 7.75 0.22 -2.07
N GLY C 117 7.64 1.00 -1.00
CA GLY C 117 8.13 0.62 0.27
C GLY C 117 9.49 1.14 0.55
N THR C 118 10.06 2.09 -0.21
CA THR C 118 11.29 2.80 0.15
C THR C 118 10.84 4.28 0.28
N ASP C 119 11.65 5.16 0.85
CA ASP C 119 11.26 6.54 0.98
C ASP C 119 11.50 7.23 -0.33
N VAL C 120 10.52 7.45 -1.15
CA VAL C 120 10.73 8.10 -2.44
C VAL C 120 11.08 9.56 -2.38
N ASN C 121 11.02 10.24 -1.24
CA ASN C 121 11.40 11.67 -1.10
C ASN C 121 12.85 11.84 -1.34
N VAL C 122 13.66 10.78 -1.17
CA VAL C 122 15.09 10.80 -1.46
C VAL C 122 15.36 11.20 -2.90
N TRP C 123 14.42 11.07 -3.82
CA TRP C 123 14.57 11.49 -5.19
C TRP C 123 14.41 12.98 -5.53
N ILE C 124 13.89 13.80 -4.62
CA ILE C 124 13.69 15.18 -5.02
C ILE C 124 14.45 16.09 -4.09
N ARG C 125 15.18 15.54 -3.14
CA ARG C 125 15.92 16.35 -2.21
C ARG C 125 17.06 17.05 -2.95
N GLY C 126 17.24 18.31 -2.59
CA GLY C 126 18.34 19.06 -3.11
C GLY C 126 17.80 19.87 -4.22
N CYS C 127 16.74 19.38 -4.88
CA CYS C 127 16.06 20.10 -5.92
C CYS C 127 15.35 21.29 -5.32
N ARG C 128 15.24 22.42 -6.01
CA ARG C 128 14.33 23.46 -5.54
C ARG C 128 13.22 23.28 -6.56
N LEU C 129 12.04 22.99 -6.05
CA LEU C 129 10.99 22.72 -6.98
C LEU C 129 9.83 23.66 -6.75
#